data_1IOE
#
_entry.id   1IOE
#
_cell.length_a   72.700
_cell.length_b   78.170
_cell.length_c   56.040
_cell.angle_alpha   90.00
_cell.angle_beta   90.00
_cell.angle_gamma   90.00
#
_symmetry.space_group_name_H-M   'P 21 21 21'
#
loop_
_entity.id
_entity.type
_entity.pdbx_description
1 polymer 'COAGULATION FACTOR XA'
2 polymer 'COAGULATION FACTOR XA'
3 non-polymer 'CALCIUM ION'
4 non-polymer "(-)-7-[(6-CHLORO-2-NAPHTHALENYL)SULFONYL]TETRAHYDRO-8A-(METHOXYMETHYL)-1'-(4-PYRIDINYL)-SPIRO[5H-OXAZOLO[3,2-A]PYRAZINE-2(3H),4'-PIPERIDIN]-5-ONE"
#
loop_
_entity_poly.entity_id
_entity_poly.type
_entity_poly.pdbx_seq_one_letter_code
_entity_poly.pdbx_strand_id
1 'polypeptide(L)'
;IVGGQECKDGECPWQALLINEENEGFCGGTILSEFYILTAAHCLYQAKRFKVRVGDRNTEQEEGGEAVHEVEVVIKHNRF
TKETYDFDIAVLRLKTPITFRMNVAPACLPERDWAESTLMTQKTGIVSGFGRTHEKGRQSTRLKMLEVPYVDRNSCKLSS
SFIITQNMFCAGYDTKQEDACQGDSGGPHVTRFKDTYFVTGIVSWGEGCARKGKYGIYTKVTAFLKWIDRSMKTR
;
A
2 'polypeptide(L)'
;YKDGDQCETSPCQNQGKCKDGLGEYTCTCLEGFEGKNCELFTRKLCSLDNGDCDQFCHEEQNSVVCSCARGYTLADNGKA
CIPTGPYPCGKQTLER
;
L
#
# COMPACT_ATOMS: atom_id res chain seq x y z
N ILE A 1 13.64 3.21 -2.36
CA ILE A 1 13.68 3.31 -0.88
C ILE A 1 15.07 3.80 -0.43
N VAL A 2 15.12 5.01 0.13
CA VAL A 2 16.38 5.57 0.61
C VAL A 2 16.52 5.17 2.06
N GLY A 3 17.58 4.44 2.39
CA GLY A 3 17.73 3.99 3.76
C GLY A 3 16.78 2.84 3.97
N GLY A 4 16.29 2.66 5.20
CA GLY A 4 15.37 1.57 5.43
C GLY A 4 16.05 0.22 5.37
N GLN A 5 15.32 -0.84 5.73
CA GLN A 5 15.87 -2.18 5.75
C GLN A 5 15.59 -2.94 4.45
N GLU A 6 15.71 -4.27 4.53
CA GLU A 6 15.48 -5.16 3.39
C GLU A 6 14.34 -6.10 3.76
N CYS A 7 13.41 -6.32 2.84
CA CYS A 7 12.28 -7.22 3.12
C CYS A 7 12.71 -8.68 3.24
N LYS A 8 12.76 -9.19 4.48
CA LYS A 8 13.14 -10.57 4.71
C LYS A 8 12.03 -11.48 4.22
N ASP A 9 12.37 -12.75 3.99
CA ASP A 9 11.41 -13.70 3.48
C ASP A 9 10.07 -13.67 4.19
N GLY A 10 9.01 -13.44 3.43
CA GLY A 10 7.67 -13.40 3.97
C GLY A 10 7.20 -12.10 4.61
N GLU A 11 8.10 -11.12 4.72
CA GLU A 11 7.77 -9.83 5.34
C GLU A 11 6.93 -8.85 4.54
N CYS A 12 7.16 -8.76 3.23
CA CYS A 12 6.41 -7.82 2.42
C CYS A 12 5.75 -8.65 1.34
N PRO A 13 4.88 -9.59 1.72
CA PRO A 13 4.19 -10.47 0.76
C PRO A 13 3.17 -9.87 -0.18
N TRP A 14 2.73 -8.64 0.09
CA TRP A 14 1.73 -8.01 -0.77
C TRP A 14 2.28 -7.13 -1.89
N GLN A 15 3.61 -6.95 -1.89
CA GLN A 15 4.29 -6.13 -2.89
C GLN A 15 4.10 -6.69 -4.29
N ALA A 16 3.86 -5.80 -5.24
CA ALA A 16 3.71 -6.19 -6.63
C ALA A 16 4.68 -5.28 -7.39
N LEU A 17 5.09 -5.69 -8.58
CA LEU A 17 6.04 -4.89 -9.36
C LEU A 17 5.68 -4.89 -10.82
N LEU A 18 5.28 -3.73 -11.34
CA LEU A 18 4.94 -3.62 -12.75
C LEU A 18 6.25 -3.63 -13.53
N ILE A 19 6.29 -4.40 -14.61
CA ILE A 19 7.49 -4.51 -15.45
C ILE A 19 7.14 -4.23 -16.91
N ASN A 20 8.03 -3.52 -17.59
CA ASN A 20 7.82 -3.20 -19.00
C ASN A 20 8.33 -4.34 -19.88
N GLU A 21 8.10 -4.24 -21.19
CA GLU A 21 8.53 -5.27 -22.13
C GLU A 21 10.01 -5.51 -21.94
N GLU A 22 10.74 -4.44 -21.68
CA GLU A 22 12.18 -4.53 -21.46
C GLU A 22 12.40 -5.30 -20.15
N ASN A 23 11.33 -5.89 -19.62
CA ASN A 23 11.38 -6.68 -18.37
C ASN A 23 11.77 -5.84 -17.16
N GLU A 24 11.95 -4.55 -17.36
CA GLU A 24 12.37 -3.64 -16.30
C GLU A 24 11.27 -3.30 -15.32
N GLY A 25 11.65 -3.11 -14.06
CA GLY A 25 10.70 -2.74 -13.03
C GLY A 25 10.70 -1.23 -12.94
N PHE A 26 9.52 -0.62 -13.15
CA PHE A 26 9.41 0.83 -13.10
C PHE A 26 8.44 1.33 -12.03
N CYS A 27 7.54 0.46 -11.59
CA CYS A 27 6.58 0.84 -10.57
C CYS A 27 6.23 -0.31 -9.64
N GLY A 28 5.46 0.01 -8.60
CA GLY A 28 5.06 -0.98 -7.63
C GLY A 28 3.58 -1.23 -7.62
N GLY A 29 3.16 -2.10 -6.71
CA GLY A 29 1.76 -2.42 -6.60
C GLY A 29 1.40 -3.02 -5.25
N THR A 30 0.11 -3.26 -5.06
CA THR A 30 -0.38 -3.84 -3.83
C THR A 30 -1.38 -4.91 -4.22
N ILE A 31 -1.18 -6.12 -3.73
CA ILE A 31 -2.11 -7.21 -4.02
C ILE A 31 -3.32 -7.07 -3.11
N LEU A 32 -4.47 -6.74 -3.70
CA LEU A 32 -5.69 -6.57 -2.91
C LEU A 32 -6.44 -7.89 -2.87
N SER A 33 -6.09 -8.78 -3.79
CA SER A 33 -6.70 -10.12 -3.89
C SER A 33 -5.98 -10.94 -4.96
N GLU A 34 -6.51 -12.13 -5.24
CA GLU A 34 -5.89 -13.01 -6.23
C GLU A 34 -6.06 -12.48 -7.65
N PHE A 35 -6.94 -11.50 -7.83
CA PHE A 35 -7.24 -10.94 -9.15
C PHE A 35 -7.07 -9.43 -9.36
N TYR A 36 -6.92 -8.67 -8.28
CA TYR A 36 -6.81 -7.20 -8.37
C TYR A 36 -5.56 -6.59 -7.77
N ILE A 37 -4.99 -5.60 -8.48
CA ILE A 37 -3.80 -4.90 -8.00
C ILE A 37 -4.10 -3.40 -7.84
N LEU A 38 -3.51 -2.80 -6.82
CA LEU A 38 -3.71 -1.37 -6.55
C LEU A 38 -2.45 -0.58 -6.86
N THR A 39 -2.49 0.25 -7.89
CA THR A 39 -1.32 1.04 -8.25
C THR A 39 -1.60 2.55 -8.33
N ALA A 40 -0.58 3.32 -8.72
CA ALA A 40 -0.73 4.76 -8.87
C ALA A 40 -1.26 5.04 -10.27
N ALA A 41 -1.81 6.23 -10.48
CA ALA A 41 -2.36 6.58 -11.79
C ALA A 41 -1.26 7.04 -12.73
N HIS A 42 -0.24 7.68 -12.19
CA HIS A 42 0.84 8.12 -13.06
C HIS A 42 1.71 6.95 -13.50
N CYS A 43 1.64 5.82 -12.80
CA CYS A 43 2.43 4.66 -13.17
C CYS A 43 1.85 4.08 -14.46
N LEU A 44 0.70 4.59 -14.86
CA LEU A 44 0.06 4.13 -16.07
C LEU A 44 0.31 5.07 -17.24
N TYR A 45 1.51 5.64 -17.27
CA TYR A 45 1.95 6.55 -18.33
C TYR A 45 3.31 6.03 -18.79
N GLN A 46 4.22 5.89 -17.82
CA GLN A 46 5.58 5.42 -18.06
C GLN A 46 5.67 4.01 -18.62
N ALA A 47 5.16 3.83 -19.84
CA ALA A 47 5.22 2.54 -20.53
C ALA A 47 4.18 2.45 -21.65
N LYS A 48 4.31 1.38 -22.42
CA LYS A 48 3.41 1.09 -23.52
C LYS A 48 2.61 -0.13 -23.06
N ARG A 49 3.32 -1.24 -22.90
CA ARG A 49 2.73 -2.49 -22.45
C ARG A 49 3.53 -2.93 -21.23
N PHE A 50 2.86 -3.49 -20.22
CA PHE A 50 3.52 -3.95 -19.00
C PHE A 50 2.82 -5.10 -18.30
N LYS A 51 3.61 -5.89 -17.57
CA LYS A 51 3.10 -7.03 -16.83
C LYS A 51 3.19 -6.69 -15.34
N VAL A 52 2.63 -7.56 -14.50
CA VAL A 52 2.69 -7.37 -13.07
C VAL A 52 3.37 -8.61 -12.49
N ARG A 53 4.39 -8.40 -11.67
CA ARG A 53 5.13 -9.49 -11.08
C ARG A 53 4.99 -9.60 -9.58
N VAL A 54 4.97 -10.83 -9.07
CA VAL A 54 4.84 -11.05 -7.64
C VAL A 54 5.77 -12.15 -7.09
N GLY A 55 6.09 -12.04 -5.81
CA GLY A 55 6.94 -13.04 -5.21
C GLY A 55 8.39 -12.68 -5.37
N ASP A 56 8.66 -11.68 -6.19
CA ASP A 56 10.04 -11.24 -6.43
C ASP A 56 10.59 -10.51 -5.20
N ARG A 57 11.83 -10.79 -4.85
CA ARG A 57 12.47 -10.12 -3.72
C ARG A 57 13.88 -9.69 -4.10
N ASN A 58 14.34 -10.25 -5.21
CA ASN A 58 15.66 -9.96 -5.77
C ASN A 58 15.55 -9.98 -7.30
N THR A 59 15.58 -8.79 -7.89
CA THR A 59 15.43 -8.60 -9.33
C THR A 59 16.56 -9.08 -10.25
N GLU A 60 17.06 -10.29 -10.00
CA GLU A 60 18.10 -10.90 -10.85
C GLU A 60 18.61 -12.22 -10.28
N GLN A 61 17.72 -12.93 -9.59
CA GLN A 61 18.06 -14.22 -8.99
C GLN A 61 16.78 -15.06 -8.85
N GLU A 62 16.68 -16.10 -9.68
CA GLU A 62 15.53 -17.00 -9.67
C GLU A 62 15.28 -17.59 -8.28
N GLU A 63 14.43 -16.92 -7.51
CA GLU A 63 14.10 -17.37 -6.17
C GLU A 63 13.04 -18.46 -6.28
N GLY A 64 12.75 -18.86 -7.52
CA GLY A 64 11.78 -19.90 -7.79
C GLY A 64 10.33 -19.57 -7.45
N GLY A 65 10.12 -18.62 -6.55
CA GLY A 65 8.76 -18.28 -6.18
C GLY A 65 8.19 -17.07 -6.88
N GLU A 66 8.81 -16.62 -7.95
CA GLU A 66 8.29 -15.47 -8.67
C GLU A 66 7.19 -15.93 -9.61
N ALA A 67 6.56 -14.98 -10.31
CA ALA A 67 5.47 -15.30 -11.24
C ALA A 67 4.92 -14.05 -11.93
N VAL A 68 4.78 -14.11 -13.25
CA VAL A 68 4.27 -12.97 -13.99
C VAL A 68 2.83 -13.15 -14.37
N HIS A 69 2.06 -12.07 -14.29
CA HIS A 69 0.64 -12.07 -14.63
C HIS A 69 0.37 -10.95 -15.62
N GLU A 70 -0.47 -11.20 -16.60
CA GLU A 70 -0.77 -10.17 -17.56
C GLU A 70 -1.91 -9.32 -17.03
N VAL A 71 -2.17 -8.20 -17.69
CA VAL A 71 -3.22 -7.28 -17.28
C VAL A 71 -4.45 -7.37 -18.17
N GLU A 72 -5.54 -7.89 -17.63
CA GLU A 72 -6.75 -8.01 -18.42
C GLU A 72 -7.35 -6.65 -18.69
N VAL A 73 -7.56 -5.87 -17.62
CA VAL A 73 -8.11 -4.54 -17.76
C VAL A 73 -7.44 -3.60 -16.79
N VAL A 74 -7.39 -2.32 -17.16
CA VAL A 74 -6.78 -1.32 -16.31
C VAL A 74 -7.81 -0.24 -16.00
N ILE A 75 -8.06 -0.01 -14.72
CA ILE A 75 -9.01 0.99 -14.27
C ILE A 75 -8.32 2.22 -13.67
N LYS A 76 -8.08 3.22 -14.53
CA LYS A 76 -7.44 4.47 -14.12
C LYS A 76 -8.51 5.43 -13.63
N HIS A 77 -8.12 6.34 -12.72
CA HIS A 77 -9.08 7.30 -12.19
C HIS A 77 -9.34 8.47 -13.12
N ASN A 78 -10.62 8.76 -13.27
CA ASN A 78 -11.11 9.81 -14.15
C ASN A 78 -10.72 11.23 -13.76
N ARG A 79 -10.79 11.54 -12.48
CA ARG A 79 -10.46 12.89 -12.03
C ARG A 79 -8.97 13.17 -12.02
N PHE A 80 -8.15 12.18 -12.38
CA PHE A 80 -6.69 12.35 -12.39
C PHE A 80 -6.10 13.18 -13.52
N THR A 81 -4.99 13.84 -13.21
CA THR A 81 -4.25 14.66 -14.16
C THR A 81 -2.88 14.86 -13.58
N LYS A 82 -1.92 15.07 -14.47
CA LYS A 82 -0.53 15.27 -14.09
C LYS A 82 -0.29 16.68 -13.55
N GLU A 83 -1.16 17.61 -13.94
CA GLU A 83 -1.02 19.00 -13.52
C GLU A 83 -1.17 19.20 -12.03
N THR A 84 -1.77 18.24 -11.34
CA THR A 84 -1.95 18.36 -9.89
C THR A 84 -1.57 17.08 -9.20
N TYR A 85 -1.71 15.97 -9.93
CA TYR A 85 -1.41 14.65 -9.39
C TYR A 85 -2.52 14.21 -8.44
N ASP A 86 -3.61 14.98 -8.40
CA ASP A 86 -4.73 14.67 -7.53
C ASP A 86 -5.40 13.41 -8.07
N PHE A 87 -5.93 12.59 -7.17
CA PHE A 87 -6.59 11.34 -7.54
C PHE A 87 -5.61 10.35 -8.12
N ASP A 88 -4.41 10.30 -7.54
CA ASP A 88 -3.41 9.38 -8.03
C ASP A 88 -3.75 7.99 -7.50
N ILE A 89 -4.50 7.23 -8.31
CA ILE A 89 -4.95 5.88 -7.97
C ILE A 89 -5.48 5.07 -9.18
N ALA A 90 -5.15 3.78 -9.22
CA ALA A 90 -5.63 2.93 -10.31
C ALA A 90 -5.68 1.48 -9.87
N VAL A 91 -6.63 0.72 -10.41
CA VAL A 91 -6.76 -0.67 -10.05
C VAL A 91 -6.70 -1.67 -11.20
N LEU A 92 -5.76 -2.61 -11.07
CA LEU A 92 -5.49 -3.65 -12.07
C LEU A 92 -6.16 -5.01 -11.86
N ARG A 93 -6.90 -5.48 -12.86
CA ARG A 93 -7.53 -6.79 -12.79
C ARG A 93 -6.67 -7.77 -13.59
N LEU A 94 -6.14 -8.79 -12.91
CA LEU A 94 -5.28 -9.76 -13.56
C LEU A 94 -5.98 -10.70 -14.53
N LYS A 95 -5.26 -11.19 -15.53
CA LYS A 95 -5.82 -12.09 -16.52
C LYS A 95 -5.92 -13.52 -15.97
N THR A 96 -5.12 -13.83 -14.97
CA THR A 96 -5.15 -15.13 -14.32
C THR A 96 -4.78 -14.97 -12.84
N PRO A 97 -5.54 -15.63 -11.95
CA PRO A 97 -5.43 -15.64 -10.49
C PRO A 97 -4.02 -15.73 -9.89
N ILE A 98 -3.73 -14.86 -8.92
CA ILE A 98 -2.45 -14.87 -8.23
C ILE A 98 -2.48 -16.08 -7.30
N THR A 99 -1.48 -16.95 -7.35
CA THR A 99 -1.51 -18.10 -6.45
C THR A 99 -0.71 -17.75 -5.21
N PHE A 100 -1.42 -17.47 -4.12
CA PHE A 100 -0.74 -17.10 -2.90
C PHE A 100 0.17 -18.21 -2.39
N ARG A 101 1.39 -17.85 -2.03
CA ARG A 101 2.35 -18.80 -1.47
C ARG A 101 3.30 -17.93 -0.68
N MET A 102 4.46 -18.48 -0.33
CA MET A 102 5.45 -17.71 0.42
C MET A 102 5.84 -16.49 -0.43
N ASN A 103 5.89 -15.34 0.21
CA ASN A 103 6.23 -14.09 -0.46
C ASN A 103 5.13 -13.67 -1.42
N VAL A 104 3.94 -14.20 -1.23
CA VAL A 104 2.82 -13.80 -2.07
C VAL A 104 1.47 -13.96 -1.38
N ALA A 105 1.08 -12.93 -0.64
CA ALA A 105 -0.20 -12.89 0.07
C ALA A 105 -0.77 -11.50 -0.17
N PRO A 106 -2.07 -11.30 0.07
CA PRO A 106 -2.64 -9.96 -0.16
C PRO A 106 -2.77 -9.11 1.12
N ALA A 107 -2.91 -7.80 0.96
CA ALA A 107 -3.07 -6.91 2.11
C ALA A 107 -4.55 -6.60 2.30
N CYS A 108 -4.93 -6.21 3.49
CA CYS A 108 -6.34 -5.92 3.75
C CYS A 108 -6.79 -4.48 3.49
N LEU A 109 -7.98 -4.34 2.93
CA LEU A 109 -8.59 -3.04 2.71
C LEU A 109 -9.40 -2.83 4.01
N PRO A 110 -9.07 -1.80 4.81
CA PRO A 110 -9.83 -1.58 6.04
C PRO A 110 -11.05 -0.73 5.78
N GLU A 111 -11.87 -0.52 6.81
CA GLU A 111 -13.07 0.30 6.69
C GLU A 111 -12.60 1.75 6.79
N ARG A 112 -13.34 2.65 6.16
CA ARG A 112 -12.98 4.07 6.17
C ARG A 112 -12.81 4.67 7.55
N ASP A 113 -13.92 4.90 8.24
CA ASP A 113 -13.88 5.51 9.56
C ASP A 113 -12.88 4.90 10.55
N TRP A 114 -12.77 3.58 10.56
CA TRP A 114 -11.84 2.88 11.47
C TRP A 114 -10.39 3.11 11.06
N ALA A 115 -10.16 3.21 9.75
CA ALA A 115 -8.83 3.45 9.20
C ALA A 115 -8.36 4.85 9.58
N GLU A 116 -9.19 5.85 9.29
CA GLU A 116 -8.88 7.23 9.60
C GLU A 116 -8.69 7.46 11.11
N SER A 117 -9.49 6.79 11.92
CA SER A 117 -9.44 6.95 13.37
C SER A 117 -8.33 6.21 14.10
N THR A 118 -8.10 4.95 13.75
CA THR A 118 -7.10 4.15 14.44
C THR A 118 -5.85 3.78 13.65
N LEU A 119 -5.91 3.89 12.32
CA LEU A 119 -4.75 3.53 11.50
C LEU A 119 -3.83 4.73 11.27
N MET A 120 -4.34 5.75 10.58
CA MET A 120 -3.57 6.94 10.29
C MET A 120 -3.27 7.82 11.50
N THR A 121 -3.68 7.37 12.68
CA THR A 121 -3.44 8.11 13.91
C THR A 121 -2.36 7.33 14.64
N GLN A 122 -2.00 6.21 14.04
CA GLN A 122 -0.95 5.35 14.56
C GLN A 122 0.30 6.20 14.30
N LYS A 123 1.39 5.97 15.03
CA LYS A 123 2.60 6.75 14.81
C LYS A 123 3.17 6.62 13.41
N THR A 124 3.69 5.42 13.10
CA THR A 124 4.32 5.16 11.80
C THR A 124 3.52 4.26 10.86
N GLY A 125 4.07 4.07 9.65
CA GLY A 125 3.46 3.22 8.63
C GLY A 125 4.59 2.55 7.88
N ILE A 126 4.30 1.66 6.93
CA ILE A 126 5.35 0.98 6.17
C ILE A 126 5.27 1.15 4.65
N VAL A 127 6.31 1.76 4.08
CA VAL A 127 6.37 1.99 2.63
C VAL A 127 7.40 1.00 2.08
N SER A 128 7.15 0.43 0.91
CA SER A 128 8.07 -0.55 0.34
C SER A 128 8.19 -0.48 -1.18
N GLY A 129 9.29 -1.02 -1.71
CA GLY A 129 9.50 -1.01 -3.16
C GLY A 129 10.91 -1.30 -3.67
N PHE A 130 11.02 -1.27 -5.00
CA PHE A 130 12.29 -1.50 -5.69
C PHE A 130 12.90 -0.20 -6.23
N GLY A 131 12.25 0.93 -5.95
CA GLY A 131 12.74 2.22 -6.43
C GLY A 131 14.19 2.52 -6.06
N ARG A 132 14.66 3.68 -6.52
CA ARG A 132 16.03 4.15 -6.32
C ARG A 132 16.51 4.14 -4.85
N THR A 133 17.82 4.21 -4.66
CA THR A 133 18.38 4.19 -3.30
C THR A 133 18.75 5.54 -2.75
N HIS A 134 18.98 6.48 -3.66
CA HIS A 134 19.27 7.87 -3.32
C HIS A 134 18.66 8.59 -4.50
N GLU A 135 18.40 9.87 -4.36
CA GLU A 135 17.74 10.61 -5.44
C GLU A 135 18.19 10.32 -6.88
N LYS A 136 19.49 10.42 -7.13
CA LYS A 136 20.04 10.20 -8.47
C LYS A 136 20.58 8.80 -8.70
N GLY A 137 20.04 7.82 -7.99
CA GLY A 137 20.54 6.46 -8.13
C GLY A 137 19.88 5.57 -9.16
N ARG A 138 19.89 4.26 -8.90
CA ARG A 138 19.30 3.27 -9.80
C ARG A 138 18.33 2.33 -9.08
N GLN A 139 17.34 1.84 -9.82
CA GLN A 139 16.33 0.92 -9.31
C GLN A 139 17.07 -0.04 -8.40
N SER A 140 16.46 -0.44 -7.29
CA SER A 140 17.16 -1.36 -6.41
C SER A 140 17.02 -2.79 -6.92
N THR A 141 17.96 -3.63 -6.52
CA THR A 141 17.95 -5.02 -6.93
C THR A 141 17.17 -5.83 -5.90
N ARG A 142 17.34 -5.46 -4.63
CA ARG A 142 16.65 -6.12 -3.53
C ARG A 142 15.40 -5.33 -3.16
N LEU A 143 14.45 -5.97 -2.48
CA LEU A 143 13.22 -5.30 -2.06
C LEU A 143 13.37 -4.63 -0.70
N LYS A 144 13.01 -3.35 -0.65
CA LYS A 144 13.14 -2.58 0.57
C LYS A 144 11.83 -2.14 1.23
N MET A 145 11.91 -1.93 2.53
CA MET A 145 10.80 -1.47 3.34
C MET A 145 11.30 -0.36 4.27
N LEU A 146 10.51 0.69 4.40
CA LEU A 146 10.88 1.81 5.25
C LEU A 146 9.75 2.16 6.21
N GLU A 147 10.09 2.31 7.48
CA GLU A 147 9.10 2.73 8.45
C GLU A 147 9.03 4.24 8.29
N VAL A 148 7.87 4.76 7.88
CA VAL A 148 7.73 6.19 7.67
C VAL A 148 6.69 6.85 8.57
N PRO A 149 7.14 7.69 9.53
CA PRO A 149 6.25 8.38 10.45
C PRO A 149 5.16 9.12 9.73
N TYR A 150 4.00 9.23 10.38
CA TYR A 150 2.85 9.95 9.80
C TYR A 150 3.17 11.42 10.02
N VAL A 151 2.86 12.24 9.03
CA VAL A 151 3.16 13.66 9.13
C VAL A 151 1.95 14.55 9.35
N ASP A 152 2.09 15.50 10.28
CA ASP A 152 1.02 16.44 10.59
C ASP A 152 0.51 17.02 9.28
N ARG A 153 -0.80 16.91 9.06
CA ARG A 153 -1.37 17.42 7.83
C ARG A 153 -0.98 18.87 7.55
N ASN A 154 -0.94 19.71 8.59
CA ASN A 154 -0.58 21.12 8.43
C ASN A 154 0.84 21.28 7.87
N SER A 155 1.83 20.89 8.67
CA SER A 155 3.24 20.95 8.29
C SER A 155 3.30 20.60 6.81
N CYS A 156 2.62 19.50 6.46
CA CYS A 156 2.53 18.98 5.10
C CYS A 156 2.38 20.10 4.08
N LYS A 157 1.25 20.81 4.13
CA LYS A 157 1.00 21.90 3.18
C LYS A 157 2.09 22.99 3.19
N LEU A 158 2.61 23.32 4.37
CA LEU A 158 3.65 24.32 4.45
C LEU A 158 4.89 23.80 3.76
N SER A 159 5.53 22.81 4.38
CA SER A 159 6.73 22.18 3.82
C SER A 159 6.67 21.93 2.32
N SER A 160 5.49 21.70 1.80
CA SER A 160 5.35 21.45 0.37
C SER A 160 5.40 22.72 -0.42
N SER A 161 5.46 22.57 -1.73
CA SER A 161 5.48 23.70 -2.64
C SER A 161 4.48 23.32 -3.72
N PHE A 162 3.49 22.53 -3.32
CA PHE A 162 2.42 22.07 -4.18
C PHE A 162 1.16 21.84 -3.33
N ILE A 163 -0.02 22.05 -3.92
CA ILE A 163 -1.29 21.87 -3.19
C ILE A 163 -1.54 20.44 -2.67
N ILE A 164 -1.28 20.20 -1.39
CA ILE A 164 -1.52 18.86 -0.84
C ILE A 164 -3.01 18.67 -0.62
N THR A 165 -3.72 18.11 -1.60
CA THR A 165 -5.17 17.92 -1.47
C THR A 165 -5.65 16.87 -0.45
N GLN A 166 -6.97 16.71 -0.37
CA GLN A 166 -7.60 15.78 0.57
C GLN A 166 -7.45 14.31 0.16
N ASN A 167 -7.11 14.08 -1.10
CA ASN A 167 -6.90 12.73 -1.60
C ASN A 167 -5.48 12.22 -1.35
N MET A 168 -4.64 13.06 -0.73
CA MET A 168 -3.27 12.66 -0.45
C MET A 168 -2.88 12.95 1.00
N PHE A 169 -1.72 12.47 1.43
CA PHE A 169 -1.25 12.72 2.78
C PHE A 169 0.26 12.55 2.87
N CYS A 170 0.91 13.42 3.62
CA CYS A 170 2.36 13.37 3.81
C CYS A 170 2.79 12.25 4.76
N ALA A 171 4.06 11.85 4.67
CA ALA A 171 4.63 10.80 5.52
C ALA A 171 6.13 10.66 5.27
N GLY A 172 6.89 10.57 6.35
CA GLY A 172 8.34 10.42 6.24
C GLY A 172 9.14 11.13 7.32
N TYR A 173 10.24 11.73 6.92
CA TYR A 173 11.11 12.46 7.83
C TYR A 173 11.44 13.82 7.27
N ASP A 174 11.77 14.75 8.16
CA ASP A 174 12.11 16.12 7.75
C ASP A 174 13.58 16.13 7.32
N THR A 175 14.46 15.81 8.27
CA THR A 175 15.88 15.80 8.00
C THR A 175 16.38 14.43 7.56
N LYS A 176 16.15 13.44 8.41
CA LYS A 176 16.59 12.05 8.17
C LYS A 176 16.63 11.65 6.70
N GLN A 177 17.66 10.91 6.32
CA GLN A 177 17.79 10.47 4.93
C GLN A 177 17.05 9.17 4.61
N GLU A 178 15.73 9.18 4.80
CA GLU A 178 14.86 8.02 4.51
C GLU A 178 13.54 8.50 3.92
N ASP A 179 13.20 7.95 2.76
CA ASP A 179 11.99 8.31 2.04
C ASP A 179 11.82 7.24 0.95
N ALA A 180 10.72 7.32 0.21
CA ALA A 180 10.49 6.41 -0.90
C ALA A 180 11.20 7.19 -1.98
N CYS A 181 10.98 6.85 -3.24
CA CYS A 181 11.64 7.60 -4.31
C CYS A 181 11.17 7.13 -5.68
N GLN A 182 11.90 7.51 -6.73
CA GLN A 182 11.51 7.09 -8.08
C GLN A 182 11.47 5.57 -8.17
N GLY A 183 10.46 5.04 -8.85
CA GLY A 183 10.34 3.61 -8.99
C GLY A 183 9.52 2.95 -7.90
N ASP A 184 9.54 3.56 -6.72
CA ASP A 184 8.78 3.07 -5.59
C ASP A 184 7.29 3.36 -5.79
N SER A 185 7.00 4.16 -6.81
CA SER A 185 5.62 4.55 -7.12
C SER A 185 4.65 3.38 -7.28
N GLY A 186 3.39 3.64 -6.94
CA GLY A 186 2.36 2.62 -7.04
C GLY A 186 2.56 1.64 -5.90
N GLY A 187 3.76 1.62 -5.34
CA GLY A 187 4.06 0.72 -4.25
C GLY A 187 3.07 0.72 -3.11
N PRO A 188 3.29 -0.13 -2.09
CA PRO A 188 2.31 -0.11 -1.00
C PRO A 188 2.74 0.61 0.29
N HIS A 189 1.80 1.35 0.87
CA HIS A 189 2.01 2.02 2.15
C HIS A 189 1.05 1.28 3.07
N VAL A 190 1.57 0.57 4.06
CA VAL A 190 0.69 -0.17 4.96
C VAL A 190 0.89 0.13 6.44
N THR A 191 -0.20 0.22 7.19
CA THR A 191 -0.10 0.46 8.62
C THR A 191 -0.25 -0.91 9.32
N ARG A 192 0.41 -1.08 10.45
CA ARG A 192 0.34 -2.35 11.16
C ARG A 192 -0.41 -2.22 12.47
N PHE A 193 -1.42 -3.07 12.62
CA PHE A 193 -2.24 -3.10 13.83
C PHE A 193 -2.49 -4.52 14.27
N LYS A 194 -1.73 -4.95 15.28
CA LYS A 194 -1.84 -6.29 15.85
C LYS A 194 -1.36 -7.40 14.93
N ASP A 195 -0.26 -7.15 14.21
CA ASP A 195 0.29 -8.16 13.31
C ASP A 195 -0.53 -8.47 12.05
N THR A 196 -1.35 -7.51 11.64
CA THR A 196 -2.18 -7.63 10.44
C THR A 196 -2.07 -6.28 9.72
N TYR A 197 -1.35 -6.26 8.61
CA TYR A 197 -1.15 -5.03 7.86
C TYR A 197 -2.34 -4.62 7.01
N PHE A 198 -2.57 -3.31 6.94
CA PHE A 198 -3.67 -2.77 6.15
C PHE A 198 -3.19 -1.78 5.09
N VAL A 199 -3.91 -1.72 3.97
CA VAL A 199 -3.55 -0.81 2.91
C VAL A 199 -4.04 0.60 3.20
N THR A 200 -3.17 1.41 3.76
CA THR A 200 -3.53 2.77 4.10
C THR A 200 -3.25 3.79 2.99
N GLY A 201 -2.17 3.60 2.23
CA GLY A 201 -1.84 4.54 1.17
C GLY A 201 -1.01 4.07 0.00
N ILE A 202 -1.19 4.74 -1.14
CA ILE A 202 -0.47 4.44 -2.39
C ILE A 202 0.69 5.40 -2.63
N VAL A 203 1.90 4.89 -2.82
CA VAL A 203 3.07 5.74 -3.11
C VAL A 203 2.83 6.60 -4.35
N SER A 204 2.92 7.92 -4.20
CA SER A 204 2.67 8.85 -5.32
C SER A 204 3.79 9.80 -5.77
N TRP A 205 4.00 10.89 -5.03
CA TRP A 205 5.02 11.87 -5.40
C TRP A 205 5.70 12.56 -4.23
N GLY A 206 6.76 13.29 -4.57
CA GLY A 206 7.53 14.03 -3.59
C GLY A 206 8.46 14.97 -4.35
N GLU A 207 9.09 15.91 -3.65
CA GLU A 207 10.03 16.85 -4.28
C GLU A 207 11.42 16.33 -3.96
N GLY A 208 11.99 15.61 -4.92
CA GLY A 208 13.30 15.05 -4.71
C GLY A 208 13.17 13.74 -3.97
N CYS A 209 14.20 13.35 -3.22
CA CYS A 209 14.14 12.11 -2.45
C CYS A 209 14.91 12.32 -1.16
N ALA A 210 14.18 12.21 -0.05
CA ALA A 210 14.73 12.37 1.29
C ALA A 210 15.26 13.78 1.56
N ARG A 211 14.75 14.77 0.81
CA ARG A 211 15.18 16.15 0.99
C ARG A 211 14.69 16.81 2.28
N LYS A 212 15.60 17.47 2.98
CA LYS A 212 15.26 18.17 4.21
C LYS A 212 14.11 19.15 3.92
N GLY A 213 13.15 19.22 4.83
CA GLY A 213 12.03 20.13 4.65
C GLY A 213 10.99 19.65 3.66
N LYS A 214 11.07 18.37 3.31
CA LYS A 214 10.12 17.77 2.38
C LYS A 214 9.71 16.38 2.87
N TYR A 215 8.50 15.97 2.51
CA TYR A 215 7.98 14.67 2.93
C TYR A 215 7.48 13.81 1.78
N GLY A 216 7.14 12.58 2.11
CA GLY A 216 6.62 11.66 1.11
C GLY A 216 5.13 11.86 0.95
N ILE A 217 4.69 12.18 -0.25
CA ILE A 217 3.28 12.39 -0.49
C ILE A 217 2.64 11.08 -0.98
N TYR A 218 1.74 10.51 -0.18
CA TYR A 218 1.07 9.28 -0.57
C TYR A 218 -0.42 9.54 -0.84
N THR A 219 -1.04 8.66 -1.62
CA THR A 219 -2.46 8.80 -1.94
C THR A 219 -3.27 8.24 -0.75
N LYS A 220 -4.26 9.01 -0.31
CA LYS A 220 -5.12 8.62 0.81
C LYS A 220 -6.03 7.48 0.33
N VAL A 221 -5.80 6.27 0.81
CA VAL A 221 -6.61 5.13 0.39
C VAL A 221 -8.02 5.14 0.94
N THR A 222 -8.15 5.50 2.21
CA THR A 222 -9.46 5.56 2.86
C THR A 222 -10.41 6.41 2.03
N ALA A 223 -9.86 7.45 1.40
CA ALA A 223 -10.65 8.37 0.58
C ALA A 223 -10.96 7.85 -0.83
N PHE A 224 -10.79 6.55 -1.04
CA PHE A 224 -11.07 5.96 -2.35
C PHE A 224 -11.66 4.57 -2.24
N LEU A 225 -11.70 4.04 -1.01
CA LEU A 225 -12.27 2.72 -0.75
C LEU A 225 -13.53 2.42 -1.58
N LYS A 226 -14.62 3.14 -1.33
CA LYS A 226 -15.85 2.89 -2.07
C LYS A 226 -15.55 2.72 -3.56
N TRP A 227 -14.56 3.48 -4.03
CA TRP A 227 -14.15 3.44 -5.44
C TRP A 227 -13.42 2.15 -5.75
N ILE A 228 -12.53 1.75 -4.86
CA ILE A 228 -11.76 0.53 -5.04
C ILE A 228 -12.70 -0.67 -5.15
N ASP A 229 -13.86 -0.56 -4.50
CA ASP A 229 -14.85 -1.61 -4.53
C ASP A 229 -15.52 -1.61 -5.88
N ARG A 230 -16.18 -0.50 -6.20
CA ARG A 230 -16.87 -0.37 -7.47
C ARG A 230 -15.88 -0.66 -8.61
N SER A 231 -14.61 -0.78 -8.27
CA SER A 231 -13.59 -1.07 -9.27
C SER A 231 -13.36 -2.58 -9.35
N MET A 232 -13.41 -3.25 -8.20
CA MET A 232 -13.23 -4.70 -8.13
C MET A 232 -14.50 -5.38 -8.60
N LYS A 233 -15.65 -4.82 -8.23
CA LYS A 233 -16.91 -5.36 -8.70
C LYS A 233 -16.89 -4.96 -10.17
N THR A 234 -15.77 -4.39 -10.59
CA THR A 234 -15.55 -3.94 -11.97
C THR A 234 -16.52 -2.86 -12.44
N ARG A 235 -15.96 -1.68 -12.73
CA ARG A 235 -16.71 -0.53 -13.23
C ARG A 235 -15.77 0.64 -13.53
N LYS B 44 -17.87 -0.27 26.53
CA LYS B 44 -18.11 0.71 25.43
C LYS B 44 -16.82 1.47 25.16
N LEU B 45 -16.83 2.26 24.08
CA LEU B 45 -15.69 3.09 23.69
C LEU B 45 -14.62 2.41 22.83
N CYS B 46 -14.72 2.57 21.51
CA CYS B 46 -13.71 2.02 20.59
C CYS B 46 -12.50 2.95 20.73
N SER B 47 -12.56 3.83 21.72
CA SER B 47 -11.48 4.79 21.97
C SER B 47 -10.47 4.23 22.95
N LEU B 48 -10.94 3.50 23.95
CA LEU B 48 -10.06 2.94 24.97
C LEU B 48 -8.93 2.08 24.39
N ASP B 49 -9.31 1.06 23.60
CA ASP B 49 -8.33 0.18 22.99
C ASP B 49 -9.03 -0.60 21.89
N ASN B 50 -9.56 0.13 20.92
CA ASN B 50 -10.27 -0.45 19.79
C ASN B 50 -11.38 -1.38 20.30
N GLY B 51 -11.99 -0.99 21.41
CA GLY B 51 -13.07 -1.76 22.00
C GLY B 51 -12.61 -3.15 22.37
N ASP B 52 -11.31 -3.35 22.33
CA ASP B 52 -10.67 -4.61 22.61
C ASP B 52 -10.85 -5.57 21.45
N CYS B 53 -11.22 -4.99 20.30
CA CYS B 53 -11.41 -5.75 19.08
C CYS B 53 -10.08 -6.30 18.53
N ASP B 54 -10.12 -6.86 17.32
CA ASP B 54 -8.90 -7.37 16.70
C ASP B 54 -8.63 -6.56 15.45
N GLN B 55 -9.69 -6.26 14.72
CA GLN B 55 -9.55 -5.46 13.52
C GLN B 55 -10.52 -4.30 13.67
N PHE B 56 -11.48 -4.20 12.76
CA PHE B 56 -12.45 -3.12 12.80
C PHE B 56 -13.22 -2.98 14.11
N CYS B 57 -13.42 -1.74 14.56
CA CYS B 57 -14.18 -1.43 15.78
C CYS B 57 -15.24 -0.37 15.49
N HIS B 58 -16.46 -0.64 15.92
CA HIS B 58 -17.55 0.28 15.69
C HIS B 58 -18.33 0.47 16.96
N GLU B 59 -19.30 1.37 16.94
CA GLU B 59 -20.10 1.61 18.13
C GLU B 59 -21.58 1.56 17.82
N GLU B 60 -22.34 0.98 18.75
CA GLU B 60 -23.78 0.83 18.64
C GLU B 60 -24.41 1.63 19.79
N GLN B 61 -24.32 2.94 19.67
CA GLN B 61 -24.85 3.91 20.64
C GLN B 61 -24.71 3.56 22.13
N ASN B 62 -24.05 2.44 22.41
CA ASN B 62 -23.84 2.05 23.79
C ASN B 62 -22.69 1.05 23.93
N SER B 63 -22.59 0.11 23.01
CA SER B 63 -21.49 -0.85 23.10
C SER B 63 -20.73 -0.93 21.80
N VAL B 64 -19.58 -1.59 21.85
CA VAL B 64 -18.74 -1.73 20.69
C VAL B 64 -19.05 -3.00 19.94
N VAL B 65 -18.92 -2.94 18.62
CA VAL B 65 -19.15 -4.09 17.77
C VAL B 65 -17.93 -4.29 16.88
N CYS B 66 -17.28 -5.43 17.04
CA CYS B 66 -16.09 -5.75 16.26
C CYS B 66 -16.45 -6.49 14.98
N SER B 67 -15.57 -6.38 13.99
CA SER B 67 -15.73 -7.03 12.70
C SER B 67 -14.34 -7.28 12.11
N CYS B 68 -14.28 -8.01 11.00
CA CYS B 68 -13.00 -8.34 10.35
C CYS B 68 -13.01 -8.26 8.84
N ALA B 69 -11.82 -8.13 8.26
CA ALA B 69 -11.65 -8.01 6.82
C ALA B 69 -12.06 -9.26 6.03
N ARG B 70 -12.39 -9.05 4.76
CA ARG B 70 -12.79 -10.14 3.87
C ARG B 70 -11.79 -11.29 4.03
N GLY B 71 -12.32 -12.49 4.23
CA GLY B 71 -11.46 -13.64 4.38
C GLY B 71 -11.25 -13.98 5.84
N TYR B 72 -11.95 -13.27 6.72
CA TYR B 72 -11.84 -13.56 8.14
C TYR B 72 -13.23 -13.83 8.69
N THR B 73 -13.28 -14.39 9.89
CA THR B 73 -14.54 -14.67 10.57
C THR B 73 -14.38 -14.37 12.06
N LEU B 74 -15.33 -13.59 12.59
CA LEU B 74 -15.35 -13.17 13.98
C LEU B 74 -15.57 -14.33 14.93
N ALA B 75 -14.59 -14.56 15.81
CA ALA B 75 -14.65 -15.66 16.76
C ALA B 75 -15.79 -15.58 17.73
N ASP B 76 -15.85 -16.56 18.62
CA ASP B 76 -16.91 -16.65 19.61
C ASP B 76 -16.93 -15.47 20.56
N ASN B 77 -15.78 -15.17 21.16
CA ASN B 77 -15.74 -14.06 22.10
C ASN B 77 -16.17 -12.75 21.45
N GLY B 78 -16.45 -12.83 20.14
CA GLY B 78 -16.89 -11.66 19.39
C GLY B 78 -15.92 -10.50 19.34
N LYS B 79 -14.64 -10.81 19.52
CA LYS B 79 -13.62 -9.78 19.51
C LYS B 79 -12.50 -10.13 18.56
N ALA B 80 -12.02 -11.36 18.61
CA ALA B 80 -10.95 -11.82 17.75
C ALA B 80 -11.41 -12.12 16.31
N CYS B 81 -10.44 -12.30 15.42
CA CYS B 81 -10.73 -12.63 14.04
C CYS B 81 -9.92 -13.87 13.77
N ILE B 82 -10.35 -14.66 12.80
CA ILE B 82 -9.64 -15.89 12.47
C ILE B 82 -9.71 -16.12 10.97
N PRO B 83 -8.61 -16.62 10.39
CA PRO B 83 -8.57 -16.88 8.95
C PRO B 83 -9.47 -18.03 8.49
N THR B 84 -9.64 -18.14 7.18
CA THR B 84 -10.43 -19.21 6.60
C THR B 84 -9.50 -19.96 5.65
N GLY B 85 -8.76 -19.21 4.85
CA GLY B 85 -7.82 -19.83 3.94
C GLY B 85 -6.47 -19.80 4.62
N PRO B 86 -5.39 -20.33 3.97
CA PRO B 86 -4.03 -20.36 4.52
C PRO B 86 -3.27 -19.08 4.17
N TYR B 87 -3.92 -18.22 3.41
CA TYR B 87 -3.34 -16.96 2.99
C TYR B 87 -4.31 -15.78 3.16
N PRO B 88 -4.58 -15.41 4.42
CA PRO B 88 -5.47 -14.32 4.84
C PRO B 88 -4.82 -12.96 4.63
N CYS B 89 -5.59 -11.99 4.14
CA CYS B 89 -5.05 -10.66 3.89
C CYS B 89 -4.41 -10.10 5.14
N GLY B 90 -3.29 -9.39 4.96
CA GLY B 90 -2.63 -8.76 6.08
C GLY B 90 -1.58 -9.51 6.87
N LYS B 91 -1.35 -10.79 6.56
CA LYS B 91 -0.36 -11.57 7.29
C LYS B 91 0.92 -11.89 6.54
N GLN B 92 2.05 -11.62 7.19
CA GLN B 92 3.33 -11.91 6.60
C GLN B 92 3.43 -13.42 6.46
N THR B 93 3.62 -13.88 5.23
CA THR B 93 3.75 -15.31 4.98
C THR B 93 5.08 -15.76 5.56
N LEU B 94 5.08 -16.16 6.83
CA LEU B 94 6.32 -16.61 7.46
C LEU B 94 6.42 -18.14 7.46
#